data_8FI1
#
_entry.id   8FI1
#
_cell.length_a   25.815
_cell.length_b   46.994
_cell.length_c   120.981
_cell.angle_alpha   90.000
_cell.angle_beta   90.000
_cell.angle_gamma   90.000
#
_symmetry.space_group_name_H-M   'P 21 21 21'
#
loop_
_entity.id
_entity.type
_entity.pdbx_description
1 polymer 'Lettuce DNA aptamer'
2 non-polymer 'POTASSIUM ION'
3 non-polymer 'MAGNESIUM ION'
4 non-polymer (5Z)-5-[(3,5-difluoro-4-hydroxyphenyl)methylidene]-2-[(E)-(hydroxyimino)methyl]-3-methyl-3,5-dihydro-4H-imidazol-4-one
5 water water
#
_entity_poly.entity_id   1
_entity_poly.type   'polydeoxyribonucleotide'
_entity_poly.pdbx_seq_one_letter_code
;(DC)(DT)(DT)(DA)(DG)(DT)(DA)(DG)(DG)(DG)(DA)(DT)(DG)(DA)(DT)(DG)(DC)(DG)(DG)(DG)
(DA)(DG)(DT)(DG)(DG)(DG)(DC)(DT)(DT)(DC)(DG)(DC)(DA)(DG)(DT)(DT)(DC)(DC)(DT)(DG)
(DC)(DG)(DA)(DG)(DG)(DG)(DG)(DA)(DC)(DT)(DA)(DA)(DG)
;
_entity_poly.pdbx_strand_id   A
#